data_4HVS
#
_entry.id   4HVS
#
_cell.length_a   110.735
_cell.length_b   81.863
_cell.length_c   50.055
_cell.angle_alpha   90.00
_cell.angle_beta   107.81
_cell.angle_gamma   90.00
#
_symmetry.space_group_name_H-M   'C 1 2 1'
#
loop_
_entity.id
_entity.type
_entity.pdbx_description
1 polymer 'Mast/stem cell growth factor receptor Kit'
2 non-polymer 5-(1H-pyrrolo[2,3-b]pyridin-3-ylmethyl)-N-[4-(trifluoromethyl)benzyl]pyridin-2-amine
3 water water
#
_entity_poly.entity_id   1
_entity_poly.type   'polypeptide(L)'
_entity_poly.pdbx_seq_one_letter_code
;MGHHHHHHMPMYEVQWKVVEESNGNNYSYIDPTQLPYDHKWEFPRNRLSFGKTLGAGAFGKVVEATAQGLIKSDAAMTVA
VKMLKPSAHSTEREALMSELKVLSYLGNHENIVNLLGACTHGGPTLVITEYCCYGDLLNFLRRKRDSFHSSDTSPASMED
DENALDLEDLLSFSYQVAKGMAFLASKNCIHRDLAARNILLTHGRITKICDFGLARDIKNDSNYVDKGNARLPVKWMAPE
SIFNSVYTFESDVWSYGIFLWELFSLGSSPYPGMPVDSKFYKMIKEGFRMSSPEHAPAEMYDIMKTCWDADPDKRPTFKQ
IVQDIEKQISESTNH
;
_entity_poly.pdbx_strand_id   A
#
# COMPACT_ATOMS: atom_id res chain seq x y z
N HIS A 7 18.41 15.48 -6.34
CA HIS A 7 17.38 14.75 -5.59
C HIS A 7 17.87 13.42 -5.09
N HIS A 8 17.80 13.25 -3.78
CA HIS A 8 17.90 11.93 -3.22
C HIS A 8 16.47 11.36 -3.21
N MET A 9 16.21 10.35 -4.05
CA MET A 9 14.86 9.79 -4.18
C MET A 9 14.18 9.36 -2.86
N PRO A 10 14.95 8.79 -1.92
CA PRO A 10 14.33 8.47 -0.63
C PRO A 10 13.65 9.66 0.09
N MET A 11 13.98 10.89 -0.27
CA MET A 11 13.30 12.05 0.32
C MET A 11 11.86 12.25 -0.20
N TYR A 12 11.54 11.60 -1.33
CA TYR A 12 10.30 11.85 -2.04
C TYR A 12 9.34 10.64 -2.06
N GLU A 13 9.88 9.44 -1.87
CA GLU A 13 8.99 8.27 -1.83
C GLU A 13 9.80 7.11 -1.29
N VAL A 14 9.09 6.12 -0.79
CA VAL A 14 9.68 4.85 -0.44
C VAL A 14 9.57 3.87 -1.62
N GLN A 15 10.69 3.60 -2.27
CA GLN A 15 10.66 2.77 -3.45
C GLN A 15 10.54 1.28 -3.10
N TRP A 16 9.60 0.58 -3.74
CA TRP A 16 9.54 -0.87 -3.59
C TRP A 16 10.80 -1.48 -4.23
N LYS A 17 11.06 -2.74 -3.93
CA LYS A 17 12.23 -3.45 -4.42
C LYS A 17 11.84 -4.86 -4.84
N VAL A 18 12.33 -5.29 -6.00
CA VAL A 18 12.39 -6.71 -6.29
C VAL A 18 13.77 -7.27 -5.93
N VAL A 19 13.78 -8.42 -5.23
CA VAL A 19 15.05 -9.01 -4.82
C VAL A 19 15.38 -10.28 -5.64
N GLU A 20 16.65 -10.62 -5.69
CA GLU A 20 17.09 -11.84 -6.34
C GLU A 20 18.10 -12.55 -5.47
N GLU A 21 18.23 -13.85 -5.66
CA GLU A 21 19.18 -14.63 -4.89
C GLU A 21 20.60 -14.13 -5.15
N SER A 22 21.35 -13.95 -4.08
CA SER A 22 22.74 -13.52 -4.19
C SER A 22 23.63 -14.64 -3.72
N ASN A 23 24.71 -14.30 -3.02
CA ASN A 23 25.60 -15.33 -2.50
C ASN A 23 24.96 -16.05 -1.33
N GLY A 24 25.18 -17.36 -1.27
CA GLY A 24 24.65 -18.17 -0.20
C GLY A 24 23.14 -18.03 -0.07
N ASN A 25 22.69 -17.65 1.11
CA ASN A 25 21.26 -17.50 1.35
C ASN A 25 20.84 -16.05 1.34
N ASN A 26 21.73 -15.19 0.87
CA ASN A 26 21.42 -13.77 0.82
C ASN A 26 20.56 -13.41 -0.38
N TYR A 27 19.93 -12.24 -0.32
CA TYR A 27 19.21 -11.62 -1.43
C TYR A 27 19.80 -10.24 -1.68
N SER A 28 19.76 -9.81 -2.93
CA SER A 28 20.23 -8.50 -3.29
C SER A 28 19.09 -7.81 -4.06
N TYR A 29 19.05 -6.48 -4.02
CA TYR A 29 18.04 -5.75 -4.77
C TYR A 29 18.34 -5.82 -6.26
N ILE A 30 17.31 -6.04 -7.07
CA ILE A 30 17.40 -5.77 -8.52
C ILE A 30 17.33 -4.26 -8.78
N ASP A 31 18.19 -3.75 -9.65
CA ASP A 31 18.05 -2.40 -10.21
C ASP A 31 16.87 -2.39 -11.20
N PRO A 32 15.76 -1.67 -10.85
CA PRO A 32 14.52 -1.81 -11.62
C PRO A 32 14.68 -1.25 -13.03
N THR A 33 15.67 -0.40 -13.25
CA THR A 33 15.88 0.14 -14.60
C THR A 33 16.30 -0.97 -15.58
N GLN A 34 16.75 -2.09 -15.00
CA GLN A 34 17.27 -3.22 -15.78
C GLN A 34 16.12 -4.09 -16.27
N LEU A 35 14.98 -4.02 -15.57
CA LEU A 35 13.82 -4.81 -15.98
C LEU A 35 13.31 -4.35 -17.33
N PRO A 36 12.73 -5.26 -18.10
CA PRO A 36 12.22 -4.79 -19.39
C PRO A 36 10.86 -4.15 -19.24
N TYR A 37 10.58 -3.21 -20.14
CA TYR A 37 9.23 -2.69 -20.34
C TYR A 37 8.60 -3.38 -21.54
N ASP A 38 7.59 -4.21 -21.32
CA ASP A 38 6.93 -4.92 -22.44
C ASP A 38 5.99 -3.98 -23.19
N HIS A 39 6.32 -3.69 -24.45
CA HIS A 39 5.58 -2.72 -25.25
C HIS A 39 4.18 -3.16 -25.59
N LYS A 40 3.81 -4.37 -25.19
CA LYS A 40 2.44 -4.79 -25.29
C LYS A 40 1.49 -3.85 -24.52
N TRP A 41 2.05 -3.13 -23.53
CA TRP A 41 1.27 -2.28 -22.65
C TRP A 41 1.01 -0.91 -23.25
N GLU A 42 1.79 -0.59 -24.29
CA GLU A 42 1.73 0.73 -24.88
C GLU A 42 0.32 1.03 -25.36
N PHE A 43 -0.16 2.22 -25.06
CA PHE A 43 -1.53 2.64 -25.36
C PHE A 43 -1.45 4.08 -25.89
N PRO A 44 -2.22 4.40 -26.96
CA PRO A 44 -2.21 5.74 -27.58
C PRO A 44 -2.60 6.85 -26.60
N ARG A 45 -1.70 7.82 -26.46
CA ARG A 45 -1.87 8.97 -25.55
C ARG A 45 -3.14 9.74 -25.90
N ASN A 46 -3.48 9.76 -27.19
CA ASN A 46 -4.64 10.50 -27.68
C ASN A 46 -5.96 9.90 -27.19
N ARG A 47 -5.94 8.61 -26.85
CA ARG A 47 -7.16 7.97 -26.38
C ARG A 47 -7.47 8.14 -24.88
N LEU A 48 -6.74 9.05 -24.23
CA LEU A 48 -6.99 9.44 -22.85
C LEU A 48 -7.63 10.83 -22.78
N SER A 49 -8.58 10.99 -21.86
CA SER A 49 -9.23 12.25 -21.57
C SER A 49 -9.14 12.55 -20.05
N PHE A 50 -8.40 13.58 -19.66
CA PHE A 50 -8.12 13.83 -18.23
C PHE A 50 -9.24 14.52 -17.45
N GLY A 51 -9.50 14.01 -16.25
CA GLY A 51 -10.43 14.61 -15.31
C GLY A 51 -9.76 15.16 -14.06
N LYS A 52 -10.34 14.91 -12.88
CA LYS A 52 -9.83 15.49 -11.64
C LYS A 52 -8.53 14.86 -11.15
N THR A 53 -7.75 15.66 -10.45
CA THR A 53 -6.57 15.16 -9.77
C THR A 53 -6.97 14.32 -8.55
N LEU A 54 -6.42 13.13 -8.48
CA LEU A 54 -6.67 12.20 -7.38
C LEU A 54 -5.61 12.31 -6.27
N GLY A 55 -4.42 12.82 -6.60
CA GLY A 55 -3.40 13.09 -5.60
C GLY A 55 -2.24 13.81 -6.27
N ALA A 56 -1.48 14.60 -5.53
CA ALA A 56 -0.25 15.21 -6.10
C ALA A 56 0.78 15.43 -5.02
N GLY A 57 2.06 15.27 -5.39
CA GLY A 57 3.15 15.68 -4.54
C GLY A 57 3.91 16.81 -5.19
N ALA A 58 5.18 16.99 -4.79
CA ALA A 58 6.02 18.05 -5.33
C ALA A 58 6.21 17.86 -6.82
N PHE A 59 6.51 16.63 -7.22
CA PHE A 59 6.88 16.35 -8.60
C PHE A 59 5.97 15.44 -9.39
N GLY A 60 5.00 14.79 -8.75
CA GLY A 60 4.17 13.81 -9.45
C GLY A 60 2.69 14.04 -9.20
N LYS A 61 1.81 13.44 -10.01
CA LYS A 61 0.40 13.52 -9.73
C LYS A 61 -0.29 12.26 -10.25
N VAL A 62 -1.48 11.98 -9.71
CA VAL A 62 -2.32 10.93 -10.27
C VAL A 62 -3.66 11.58 -10.60
N VAL A 63 -4.12 11.41 -11.84
CA VAL A 63 -5.36 12.03 -12.25
C VAL A 63 -6.34 10.98 -12.77
N GLU A 64 -7.63 11.19 -12.48
CA GLU A 64 -8.68 10.32 -13.00
C GLU A 64 -8.82 10.65 -14.50
N ALA A 65 -8.99 9.62 -15.34
CA ALA A 65 -9.15 9.80 -16.78
C ALA A 65 -10.17 8.82 -17.33
N THR A 66 -10.62 9.10 -18.55
CA THR A 66 -11.41 8.20 -19.33
C THR A 66 -10.50 7.66 -20.44
N ALA A 67 -10.48 6.35 -20.62
CA ALA A 67 -9.66 5.73 -21.67
C ALA A 67 -10.54 5.07 -22.73
N GLN A 68 -10.38 5.47 -23.99
CA GLN A 68 -11.22 4.94 -25.06
C GLN A 68 -10.68 3.60 -25.61
N GLY A 69 -11.49 2.53 -25.51
CA GLY A 69 -11.14 1.25 -26.09
C GLY A 69 -10.03 0.48 -25.38
N LEU A 70 -9.80 0.81 -24.10
CA LEU A 70 -8.70 0.21 -23.36
C LEU A 70 -8.97 -1.26 -23.14
N ILE A 71 -10.19 -1.57 -22.75
CA ILE A 71 -10.58 -2.95 -22.44
C ILE A 71 -11.45 -3.57 -23.54
N LYS A 72 -12.58 -2.93 -23.87
CA LYS A 72 -13.36 -3.37 -25.03
C LYS A 72 -13.25 -2.31 -26.12
N SER A 73 -13.10 -2.77 -27.36
CA SER A 73 -12.86 -1.91 -28.52
C SER A 73 -13.87 -0.77 -28.62
N ASP A 74 -15.09 -1.01 -28.16
CA ASP A 74 -16.14 -0.01 -28.34
C ASP A 74 -16.50 0.77 -27.07
N ALA A 75 -15.71 0.62 -26.00
CA ALA A 75 -16.07 1.23 -24.71
C ALA A 75 -15.02 2.17 -24.10
N ALA A 76 -15.50 3.17 -23.37
CA ALA A 76 -14.63 4.04 -22.61
C ALA A 76 -14.61 3.52 -21.19
N MET A 77 -13.52 3.71 -20.47
CA MET A 77 -13.53 3.29 -19.07
C MET A 77 -12.74 4.23 -18.18
N THR A 78 -13.09 4.26 -16.89
CA THR A 78 -12.42 5.19 -15.99
C THR A 78 -11.13 4.52 -15.48
N VAL A 79 -10.04 5.28 -15.49
CA VAL A 79 -8.74 4.78 -15.07
C VAL A 79 -8.08 5.86 -14.22
N ALA A 80 -6.95 5.54 -13.60
CA ALA A 80 -6.16 6.54 -12.90
C ALA A 80 -4.81 6.56 -13.62
N VAL A 81 -4.29 7.76 -13.88
CA VAL A 81 -3.03 7.88 -14.57
C VAL A 81 -1.99 8.57 -13.69
N LYS A 82 -0.84 7.94 -13.52
CA LYS A 82 0.24 8.56 -12.77
C LYS A 82 1.22 9.21 -13.75
N MET A 83 1.67 10.41 -13.40
CA MET A 83 2.52 11.20 -14.27
C MET A 83 3.28 12.25 -13.48
N LEU A 84 4.30 12.82 -14.12
CA LEU A 84 5.14 13.81 -13.49
C LEU A 84 4.81 15.22 -13.97
N LYS A 85 5.01 16.18 -13.09
CA LYS A 85 4.94 17.59 -13.42
C LYS A 85 6.19 18.01 -14.18
N PRO A 86 6.11 19.12 -14.94
CA PRO A 86 7.25 19.47 -15.79
C PRO A 86 8.47 19.96 -14.99
N SER A 87 8.30 20.25 -13.70
CA SER A 87 9.42 20.65 -12.85
C SER A 87 10.23 19.45 -12.33
N ALA A 88 9.73 18.25 -12.55
CA ALA A 88 10.43 17.01 -12.18
C ALA A 88 11.84 16.89 -12.80
N HIS A 89 12.74 16.19 -12.12
CA HIS A 89 14.09 15.98 -12.67
C HIS A 89 14.23 14.58 -13.28
N SER A 90 15.35 14.34 -13.95
CA SER A 90 15.59 13.07 -14.59
C SER A 90 15.49 11.93 -13.57
N THR A 91 15.91 12.16 -12.33
CA THR A 91 15.76 11.11 -11.29
C THR A 91 14.30 10.69 -11.11
N GLU A 92 13.38 11.67 -11.11
CA GLU A 92 11.97 11.30 -10.99
C GLU A 92 11.47 10.57 -12.24
N ARG A 93 11.88 11.04 -13.43
CA ARG A 93 11.53 10.42 -14.70
C ARG A 93 11.99 8.98 -14.77
N GLU A 94 13.22 8.76 -14.33
CA GLU A 94 13.71 7.39 -14.20
C GLU A 94 12.87 6.55 -13.21
N ALA A 95 12.58 7.10 -12.04
CA ALA A 95 11.82 6.38 -11.01
C ALA A 95 10.46 5.92 -11.53
N LEU A 96 9.79 6.78 -12.33
CA LEU A 96 8.47 6.44 -12.86
C LEU A 96 8.51 5.34 -13.93
N MET A 97 9.53 5.37 -14.80
CA MET A 97 9.74 4.28 -15.74
C MET A 97 10.06 3.00 -14.98
N SER A 98 10.85 3.12 -13.93
CA SER A 98 11.21 1.96 -13.13
C SER A 98 10.00 1.35 -12.44
N GLU A 99 9.08 2.21 -12.01
CA GLU A 99 7.84 1.76 -11.38
C GLU A 99 6.97 0.99 -12.38
N LEU A 100 6.90 1.49 -13.61
CA LEU A 100 6.20 0.82 -14.70
C LEU A 100 6.85 -0.55 -15.04
N LYS A 101 8.18 -0.59 -15.07
CA LYS A 101 8.87 -1.86 -15.28
C LYS A 101 8.53 -2.91 -14.22
N VAL A 102 8.55 -2.50 -12.95
CA VAL A 102 8.21 -3.44 -11.87
C VAL A 102 6.76 -3.91 -12.02
N LEU A 103 5.86 -2.99 -12.36
CA LEU A 103 4.47 -3.33 -12.59
C LEU A 103 4.31 -4.34 -13.75
N SER A 104 5.08 -4.14 -14.82
CA SER A 104 5.06 -5.02 -15.99
C SER A 104 5.58 -6.40 -15.56
N TYR A 105 6.60 -6.40 -14.72
CA TYR A 105 7.17 -7.63 -14.17
C TYR A 105 6.17 -8.39 -13.28
N LEU A 106 5.48 -7.67 -12.40
CA LEU A 106 4.65 -8.30 -11.36
C LEU A 106 3.49 -9.08 -11.96
N GLY A 107 2.80 -8.51 -12.94
CA GLY A 107 1.61 -9.18 -13.45
C GLY A 107 0.39 -8.86 -12.58
N ASN A 108 -0.70 -9.56 -12.83
CA ASN A 108 -2.00 -9.10 -12.35
C ASN A 108 -2.47 -9.82 -11.08
N HIS A 109 -3.15 -9.09 -10.17
CA HIS A 109 -3.76 -9.70 -8.97
C HIS A 109 -4.97 -8.88 -8.52
N GLU A 110 -5.99 -9.56 -8.01
CA GLU A 110 -7.22 -8.89 -7.67
C GLU A 110 -6.98 -7.80 -6.61
N ASN A 111 -5.98 -8.03 -5.76
CA ASN A 111 -5.81 -7.19 -4.60
C ASN A 111 -4.61 -6.24 -4.70
N ILE A 112 -4.22 -5.94 -5.93
CA ILE A 112 -3.33 -4.83 -6.15
C ILE A 112 -3.97 -3.90 -7.15
N VAL A 113 -3.50 -2.66 -7.17
CA VAL A 113 -3.96 -1.67 -8.13
C VAL A 113 -3.24 -2.06 -9.42
N ASN A 114 -3.96 -2.52 -10.44
CA ASN A 114 -3.27 -3.12 -11.60
C ASN A 114 -2.87 -2.19 -12.73
N LEU A 115 -1.76 -2.54 -13.37
CA LEU A 115 -1.33 -1.91 -14.59
C LEU A 115 -2.28 -2.28 -15.71
N LEU A 116 -2.78 -1.26 -16.41
CA LEU A 116 -3.63 -1.42 -17.61
C LEU A 116 -2.95 -0.96 -18.91
N GLY A 117 -1.99 -0.06 -18.80
CA GLY A 117 -1.36 0.50 -19.98
C GLY A 117 -0.37 1.60 -19.67
N ALA A 118 0.42 2.00 -20.67
CA ALA A 118 1.35 3.12 -20.52
C ALA A 118 1.53 3.91 -21.82
N CYS A 119 1.99 5.15 -21.69
CA CYS A 119 2.35 5.94 -22.84
C CYS A 119 3.74 6.39 -22.54
N THR A 120 4.69 5.90 -23.35
CA THR A 120 6.10 6.07 -23.07
C THR A 120 6.83 6.79 -24.19
N HIS A 121 6.16 7.10 -25.28
CA HIS A 121 6.86 7.90 -26.28
C HIS A 121 6.15 9.20 -26.54
N GLY A 122 6.91 10.14 -27.08
CA GLY A 122 6.42 11.47 -27.34
C GLY A 122 6.72 12.27 -26.10
N GLY A 123 5.70 12.44 -25.26
CA GLY A 123 5.85 13.29 -24.10
C GLY A 123 6.08 12.49 -22.83
N PRO A 124 5.62 13.03 -21.70
CA PRO A 124 5.87 12.42 -20.40
C PRO A 124 5.28 11.02 -20.31
N THR A 125 5.96 10.18 -19.54
CA THR A 125 5.51 8.84 -19.24
C THR A 125 4.19 8.88 -18.46
N LEU A 126 3.16 8.22 -19.00
CA LEU A 126 1.89 8.11 -18.29
C LEU A 126 1.68 6.68 -17.89
N VAL A 127 1.45 6.41 -16.60
CA VAL A 127 1.23 5.03 -16.20
C VAL A 127 -0.26 4.86 -15.87
N ILE A 128 -0.95 4.05 -16.68
CA ILE A 128 -2.40 3.89 -16.57
C ILE A 128 -2.73 2.69 -15.71
N THR A 129 -3.42 2.94 -14.61
CA THR A 129 -3.81 1.89 -13.67
C THR A 129 -5.30 1.88 -13.43
N GLU A 130 -5.74 0.85 -12.72
CA GLU A 130 -7.12 0.72 -12.32
C GLU A 130 -7.52 1.90 -11.44
N TYR A 131 -8.73 2.37 -11.62
CA TYR A 131 -9.30 3.42 -10.79
C TYR A 131 -10.17 2.82 -9.68
N CYS A 132 -10.08 3.39 -8.47
CA CYS A 132 -10.73 2.78 -7.31
C CYS A 132 -11.69 3.78 -6.70
N CYS A 133 -12.98 3.54 -6.86
CA CYS A 133 -13.96 4.61 -6.70
C CYS A 133 -14.08 5.17 -5.28
N TYR A 134 -13.66 4.41 -4.27
CA TYR A 134 -13.82 4.87 -2.89
C TYR A 134 -12.55 5.48 -2.30
N GLY A 135 -11.48 5.55 -3.11
CA GLY A 135 -10.26 6.20 -2.69
C GLY A 135 -9.44 5.42 -1.68
N ASP A 136 -8.59 6.12 -0.92
CA ASP A 136 -7.68 5.42 -0.01
C ASP A 136 -8.42 4.90 1.23
N LEU A 137 -8.00 3.72 1.68
CA LEU A 137 -8.66 3.06 2.80
C LEU A 137 -8.56 3.87 4.10
N LEU A 138 -7.45 4.57 4.33
CA LEU A 138 -7.32 5.30 5.59
C LEU A 138 -8.45 6.33 5.75
N ASN A 139 -8.61 7.13 4.73
CA ASN A 139 -9.58 8.17 4.88
C ASN A 139 -11.02 7.65 4.79
N PHE A 140 -11.23 6.50 4.13
CA PHE A 140 -12.52 5.78 4.15
C PHE A 140 -12.90 5.30 5.58
N LEU A 141 -11.98 4.60 6.22
CA LEU A 141 -12.21 4.18 7.61
C LEU A 141 -12.54 5.35 8.55
N ARG A 142 -11.77 6.42 8.41
CA ARG A 142 -11.95 7.60 9.24
C ARG A 142 -13.32 8.24 9.00
N ARG A 143 -13.75 8.30 7.74
CA ARG A 143 -15.08 8.84 7.43
C ARG A 143 -16.20 7.91 7.95
N LYS A 144 -15.95 6.61 7.97
CA LYS A 144 -16.91 5.61 8.36
C LYS A 144 -16.87 5.29 9.84
N ARG A 145 -15.98 5.93 10.58
CA ARG A 145 -15.65 5.47 11.93
C ARG A 145 -16.84 5.47 12.88
N ASP A 146 -17.63 6.55 12.84
CA ASP A 146 -18.76 6.71 13.75
C ASP A 146 -19.95 5.92 13.30
N SER A 147 -19.81 5.31 12.13
CA SER A 147 -20.84 4.47 11.55
C SER A 147 -20.52 2.97 11.71
N PHE A 148 -19.59 2.59 12.58
CA PHE A 148 -19.30 1.17 12.79
C PHE A 148 -20.47 0.45 13.47
N HIS A 149 -20.99 -0.59 12.81
CA HIS A 149 -22.19 -1.27 13.29
C HIS A 149 -21.82 -2.55 14.04
N SER A 150 -22.19 -2.59 15.32
CA SER A 150 -22.00 -3.76 16.16
C SER A 150 -22.88 -4.89 15.69
N SER A 151 -22.44 -6.13 15.89
CA SER A 151 -23.29 -7.27 15.57
C SER A 151 -24.51 -7.18 16.47
N ASP A 152 -25.67 -7.43 15.87
CA ASP A 152 -26.87 -7.74 16.64
C ASP A 152 -27.46 -6.47 17.21
N THR A 153 -27.15 -5.38 16.52
CA THR A 153 -27.65 -4.06 16.83
C THR A 153 -28.60 -3.80 15.66
N SER A 154 -29.70 -3.07 15.90
CA SER A 154 -30.68 -2.80 14.85
C SER A 154 -30.14 -1.91 13.75
N PRO A 155 -30.49 -2.22 12.48
CA PRO A 155 -30.19 -1.37 11.32
C PRO A 155 -30.69 0.05 11.51
N ALA A 156 -31.80 0.18 12.23
CA ALA A 156 -32.37 1.48 12.55
C ALA A 156 -31.46 2.31 13.44
N SER A 157 -30.50 1.67 14.11
CA SER A 157 -29.53 2.42 14.92
C SER A 157 -28.58 3.28 14.06
N MET A 158 -28.27 2.82 12.86
CA MET A 158 -27.43 3.58 11.94
C MET A 158 -28.25 4.52 11.07
N GLU A 159 -27.61 5.55 10.53
CA GLU A 159 -28.29 6.45 9.61
C GLU A 159 -28.39 5.75 8.27
N ASP A 160 -27.24 5.45 7.67
CA ASP A 160 -27.22 4.71 6.42
C ASP A 160 -26.58 3.33 6.62
N ASP A 161 -27.35 2.43 7.22
CA ASP A 161 -26.85 1.11 7.59
C ASP A 161 -26.29 0.30 6.42
N GLU A 162 -26.82 0.51 5.22
CA GLU A 162 -26.38 -0.25 4.06
C GLU A 162 -24.95 0.15 3.65
N ASN A 163 -24.47 1.30 4.13
CA ASN A 163 -23.11 1.75 3.79
C ASN A 163 -22.24 1.87 5.01
N ALA A 164 -22.71 1.33 6.12
CA ALA A 164 -21.93 1.33 7.35
C ALA A 164 -20.82 0.28 7.24
N LEU A 165 -20.06 0.19 8.32
CA LEU A 165 -18.92 -0.65 8.42
C LEU A 165 -19.19 -1.63 9.55
N ASP A 166 -18.85 -2.91 9.35
CA ASP A 166 -18.96 -3.88 10.42
C ASP A 166 -17.76 -4.80 10.48
N LEU A 167 -17.72 -5.67 11.48
CA LEU A 167 -16.57 -6.55 11.65
C LEU A 167 -16.27 -7.45 10.42
N GLU A 168 -17.31 -7.91 9.75
CA GLU A 168 -17.11 -8.69 8.53
C GLU A 168 -16.32 -7.90 7.46
N ASP A 169 -16.60 -6.61 7.31
CA ASP A 169 -15.80 -5.72 6.43
C ASP A 169 -14.34 -5.70 6.85
N LEU A 170 -14.11 -5.49 8.15
CA LEU A 170 -12.72 -5.40 8.64
C LEU A 170 -11.95 -6.71 8.43
N LEU A 171 -12.58 -7.84 8.73
CA LEU A 171 -11.95 -9.14 8.49
C LEU A 171 -11.68 -9.38 7.01
N SER A 172 -12.63 -8.97 6.17
CA SER A 172 -12.48 -9.07 4.71
C SER A 172 -11.30 -8.25 4.21
N PHE A 173 -11.20 -7.00 4.64
CA PHE A 173 -10.07 -6.14 4.22
C PHE A 173 -8.74 -6.73 4.67
N SER A 174 -8.69 -7.29 5.87
CA SER A 174 -7.45 -7.87 6.39
C SER A 174 -7.01 -9.07 5.52
N TYR A 175 -8.00 -9.87 5.13
CA TYR A 175 -7.81 -11.05 4.27
C TYR A 175 -7.30 -10.65 2.89
N GLN A 176 -8.00 -9.70 2.28
CA GLN A 176 -7.68 -9.24 0.93
C GLN A 176 -6.29 -8.62 0.84
N VAL A 177 -5.93 -7.81 1.84
CA VAL A 177 -4.59 -7.23 1.89
C VAL A 177 -3.50 -8.30 2.08
N ALA A 178 -3.71 -9.27 2.98
CA ALA A 178 -2.79 -10.44 3.10
C ALA A 178 -2.61 -11.21 1.78
N LYS A 179 -3.70 -11.38 1.05
CA LYS A 179 -3.64 -12.05 -0.23
C LYS A 179 -2.78 -11.26 -1.23
N GLY A 180 -2.94 -9.93 -1.26
CA GLY A 180 -2.16 -9.13 -2.20
C GLY A 180 -0.70 -9.13 -1.83
N MET A 181 -0.40 -9.11 -0.53
CA MET A 181 0.99 -9.14 -0.08
C MET A 181 1.62 -10.51 -0.31
N ALA A 182 0.85 -11.57 -0.14
CA ALA A 182 1.30 -12.94 -0.47
C ALA A 182 1.68 -13.01 -1.96
N PHE A 183 0.84 -12.43 -2.81
CA PHE A 183 1.16 -12.31 -4.26
C PHE A 183 2.48 -11.56 -4.51
N LEU A 184 2.63 -10.36 -3.95
CA LEU A 184 3.91 -9.65 -4.03
C LEU A 184 5.13 -10.46 -3.60
N ALA A 185 5.05 -11.07 -2.41
CA ALA A 185 6.14 -11.86 -1.87
C ALA A 185 6.47 -12.98 -2.82
N SER A 186 5.45 -13.54 -3.46
CA SER A 186 5.61 -14.65 -4.40
C SER A 186 6.35 -14.23 -5.67
N LYS A 187 6.41 -12.92 -5.91
CA LYS A 187 7.17 -12.43 -7.07
C LYS A 187 8.47 -11.79 -6.59
N ASN A 188 8.87 -12.09 -5.35
CA ASN A 188 10.10 -11.54 -4.77
C ASN A 188 10.07 -10.03 -4.63
N CYS A 189 8.88 -9.47 -4.37
CA CYS A 189 8.71 -8.03 -4.28
C CYS A 189 8.48 -7.63 -2.82
N ILE A 190 9.18 -6.59 -2.40
CA ILE A 190 9.02 -5.98 -1.10
C ILE A 190 8.47 -4.56 -1.28
N HIS A 191 7.30 -4.32 -0.73
CA HIS A 191 6.61 -3.04 -0.88
C HIS A 191 7.34 -1.90 -0.16
N ARG A 192 7.63 -2.11 1.11
CA ARG A 192 8.37 -1.17 1.95
C ARG A 192 7.58 0.05 2.46
N ASP A 193 6.35 0.21 2.02
CA ASP A 193 5.50 1.30 2.51
C ASP A 193 4.05 0.88 2.63
N LEU A 194 3.82 -0.33 3.13
CA LEU A 194 2.48 -0.81 3.36
C LEU A 194 1.82 -0.08 4.53
N ALA A 195 0.65 0.48 4.28
CA ALA A 195 -0.11 1.20 5.28
C ALA A 195 -1.50 1.48 4.72
N ALA A 196 -2.44 1.83 5.58
CA ALA A 196 -3.79 2.06 5.11
C ALA A 196 -3.89 3.19 4.06
N ARG A 197 -2.99 4.18 4.13
CA ARG A 197 -2.93 5.25 3.13
C ARG A 197 -2.51 4.77 1.74
N ASN A 198 -1.87 3.60 1.68
CA ASN A 198 -1.44 3.02 0.40
C ASN A 198 -2.27 1.83 0.04
N ILE A 199 -3.55 1.84 0.48
CA ILE A 199 -4.48 0.80 0.10
C ILE A 199 -5.76 1.48 -0.35
N LEU A 200 -6.33 1.05 -1.48
CA LEU A 200 -7.52 1.70 -2.02
C LEU A 200 -8.71 0.76 -1.90
N LEU A 201 -9.89 1.32 -2.04
CA LEU A 201 -11.15 0.58 -1.96
C LEU A 201 -11.99 0.82 -3.23
N THR A 202 -12.54 -0.24 -3.78
CA THR A 202 -13.33 -0.10 -5.00
C THR A 202 -14.64 -0.89 -4.94
N HIS A 203 -15.34 -0.94 -6.07
CA HIS A 203 -16.61 -1.65 -6.19
C HIS A 203 -16.56 -3.03 -5.55
N GLY A 204 -17.57 -3.35 -4.78
CA GLY A 204 -17.65 -4.65 -4.11
C GLY A 204 -16.81 -4.66 -2.86
N ARG A 205 -16.37 -3.48 -2.45
CA ARG A 205 -15.48 -3.35 -1.32
C ARG A 205 -14.28 -4.27 -1.48
N ILE A 206 -13.65 -4.18 -2.65
CA ILE A 206 -12.40 -4.84 -2.90
C ILE A 206 -11.27 -3.87 -2.57
N THR A 207 -10.31 -4.35 -1.79
CA THR A 207 -9.12 -3.57 -1.41
C THR A 207 -7.97 -3.86 -2.40
N LYS A 208 -7.29 -2.79 -2.80
CA LYS A 208 -6.15 -2.87 -3.70
C LYS A 208 -4.95 -2.09 -3.14
N ILE A 209 -3.83 -2.81 -2.96
CA ILE A 209 -2.56 -2.22 -2.57
C ILE A 209 -2.00 -1.32 -3.66
N CYS A 210 -1.28 -0.26 -3.28
CA CYS A 210 -0.78 0.68 -4.26
C CYS A 210 0.37 1.42 -3.58
N ASP A 211 0.84 2.48 -4.23
CA ASP A 211 1.70 3.46 -3.54
C ASP A 211 1.62 4.77 -4.29
N PHE A 212 0.93 5.75 -3.70
CA PHE A 212 0.89 7.07 -4.32
C PHE A 212 2.28 7.58 -4.68
N GLY A 213 3.27 7.33 -3.84
CA GLY A 213 4.67 7.62 -4.20
C GLY A 213 4.93 9.10 -4.43
N LEU A 214 5.32 9.46 -5.66
CA LEU A 214 5.64 10.85 -6.01
C LEU A 214 4.38 11.71 -6.15
N ALA A 215 3.21 11.05 -6.14
CA ALA A 215 1.92 11.77 -6.13
C ALA A 215 1.36 11.92 -4.71
N ARG A 216 2.25 11.78 -3.72
CA ARG A 216 1.94 12.11 -2.33
C ARG A 216 2.80 13.31 -1.93
N ASP A 217 2.20 14.30 -1.26
CA ASP A 217 2.98 15.42 -0.68
C ASP A 217 3.65 14.94 0.60
N ILE A 218 4.75 14.22 0.43
CA ILE A 218 5.41 13.53 1.51
C ILE A 218 5.92 14.43 2.67
N LYS A 219 6.37 15.63 2.32
CA LYS A 219 6.98 16.55 3.29
C LYS A 219 5.92 17.02 4.28
N ASN A 220 4.68 17.11 3.81
CA ASN A 220 3.57 17.51 4.65
C ASN A 220 2.79 16.38 5.29
N ASP A 221 3.25 15.14 5.16
CA ASP A 221 2.55 14.02 5.78
C ASP A 221 3.41 13.66 6.98
N SER A 222 2.94 13.99 8.19
CA SER A 222 3.77 13.75 9.38
C SER A 222 3.95 12.27 9.72
N ASN A 223 3.32 11.38 8.97
CA ASN A 223 3.61 9.95 9.10
C ASN A 223 4.97 9.54 8.54
N TYR A 224 5.57 10.41 7.73
CA TYR A 224 6.93 10.21 7.26
C TYR A 224 7.84 11.10 8.08
N VAL A 225 8.94 10.55 8.57
CA VAL A 225 9.85 11.32 9.40
C VAL A 225 11.20 11.46 8.69
N ASP A 226 11.82 12.62 8.81
CA ASP A 226 13.17 12.84 8.27
C ASP A 226 14.08 12.00 9.11
N LYS A 227 14.79 11.08 8.48
CA LYS A 227 15.71 10.24 9.20
C LYS A 227 16.80 9.87 8.25
N GLY A 228 17.99 10.43 8.50
CA GLY A 228 19.08 10.30 7.57
C GLY A 228 18.77 11.17 6.39
N ASN A 229 19.03 10.66 5.19
CA ASN A 229 18.71 11.40 3.99
C ASN A 229 17.46 10.85 3.34
N ALA A 230 16.45 10.59 4.17
CA ALA A 230 15.20 10.02 3.70
C ALA A 230 14.02 10.47 4.54
N ARG A 231 12.82 10.30 4.00
CA ARG A 231 11.59 10.51 4.76
C ARG A 231 10.91 9.15 4.88
N LEU A 232 10.87 8.61 6.10
CA LEU A 232 10.52 7.21 6.30
C LEU A 232 9.31 7.04 7.20
N PRO A 233 8.42 6.12 6.82
CA PRO A 233 7.19 5.81 7.57
C PRO A 233 7.54 5.00 8.84
N VAL A 234 8.28 5.63 9.76
CA VAL A 234 8.92 4.93 10.86
C VAL A 234 7.97 4.07 11.70
N LYS A 235 6.79 4.63 11.99
CA LYS A 235 5.83 3.89 12.82
C LYS A 235 5.30 2.62 12.17
N TRP A 236 5.53 2.46 10.87
CA TRP A 236 5.15 1.24 10.14
C TRP A 236 6.32 0.26 9.96
N MET A 237 7.50 0.65 10.41
CA MET A 237 8.71 -0.08 10.00
C MET A 237 9.23 -1.06 11.03
N ALA A 238 9.80 -2.17 10.57
CA ALA A 238 10.38 -3.14 11.47
C ALA A 238 11.67 -2.57 12.05
N PRO A 239 12.03 -3.01 13.27
CA PRO A 239 13.24 -2.54 13.92
C PRO A 239 14.45 -2.75 13.02
N GLU A 240 14.55 -3.86 12.30
CA GLU A 240 15.78 -4.10 11.52
C GLU A 240 15.90 -3.11 10.34
N SER A 241 14.75 -2.60 9.88
CA SER A 241 14.72 -1.61 8.78
C SER A 241 15.12 -0.22 9.28
N ILE A 242 14.54 0.19 10.40
CA ILE A 242 14.91 1.44 11.04
C ILE A 242 16.42 1.50 11.35
N PHE A 243 16.91 0.48 12.03
CA PHE A 243 18.22 0.56 12.66
C PHE A 243 19.33 0.07 11.75
N ASN A 244 18.99 -0.84 10.84
CA ASN A 244 20.05 -1.41 9.99
C ASN A 244 19.78 -1.35 8.50
N SER A 245 18.68 -0.69 8.13
CA SER A 245 18.23 -0.58 6.74
C SER A 245 18.09 -1.94 6.06
N VAL A 246 17.67 -2.92 6.84
CA VAL A 246 17.45 -4.24 6.31
C VAL A 246 15.98 -4.41 5.99
N TYR A 247 15.68 -4.79 4.75
CA TYR A 247 14.28 -4.93 4.32
C TYR A 247 14.09 -6.27 3.71
N THR A 248 13.04 -6.97 4.12
CA THR A 248 12.79 -8.34 3.68
C THR A 248 11.30 -8.56 3.58
N PHE A 249 10.93 -9.77 3.20
CA PHE A 249 9.51 -10.12 3.17
C PHE A 249 8.94 -10.01 4.61
N GLU A 250 9.79 -10.30 5.60
CA GLU A 250 9.44 -10.23 7.02
C GLU A 250 9.29 -8.79 7.56
N SER A 251 10.00 -7.83 6.98
CA SER A 251 9.76 -6.41 7.34
C SER A 251 8.43 -5.88 6.74
N ASP A 252 8.02 -6.40 5.56
CA ASP A 252 6.67 -6.12 5.06
C ASP A 252 5.61 -6.70 6.01
N VAL A 253 5.91 -7.86 6.59
CA VAL A 253 4.96 -8.47 7.53
C VAL A 253 4.76 -7.58 8.77
N TRP A 254 5.84 -6.98 9.27
CA TRP A 254 5.73 -6.09 10.41
C TRP A 254 4.76 -4.96 10.01
N SER A 255 5.01 -4.32 8.88
CA SER A 255 4.10 -3.24 8.39
C SER A 255 2.64 -3.68 8.31
N TYR A 256 2.45 -4.91 7.85
CA TYR A 256 1.13 -5.49 7.78
C TYR A 256 0.45 -5.56 9.15
N GLY A 257 1.20 -5.93 10.18
CA GLY A 257 0.71 -5.89 11.55
C GLY A 257 0.28 -4.46 11.93
N ILE A 258 1.07 -3.46 11.55
CA ILE A 258 0.72 -2.07 11.86
C ILE A 258 -0.57 -1.64 11.10
N PHE A 259 -0.64 -2.01 9.83
CA PHE A 259 -1.86 -1.86 9.03
C PHE A 259 -3.11 -2.47 9.74
N LEU A 260 -2.98 -3.71 10.22
CA LEU A 260 -4.05 -4.37 10.95
C LEU A 260 -4.48 -3.52 12.15
N TRP A 261 -3.50 -2.99 12.89
CA TRP A 261 -3.81 -2.08 13.99
C TRP A 261 -4.63 -0.84 13.56
N GLU A 262 -4.20 -0.17 12.49
CA GLU A 262 -4.97 0.97 11.92
C GLU A 262 -6.38 0.55 11.54
N LEU A 263 -6.47 -0.64 10.97
CA LEU A 263 -7.68 -1.12 10.36
C LEU A 263 -8.71 -1.36 11.45
N PHE A 264 -8.33 -2.14 12.46
CA PHE A 264 -9.25 -2.43 13.55
C PHE A 264 -9.49 -1.24 14.51
N SER A 265 -8.63 -0.22 14.45
CA SER A 265 -8.83 1.03 15.17
C SER A 265 -9.63 2.02 14.31
N LEU A 266 -10.09 1.60 13.15
CA LEU A 266 -10.83 2.46 12.22
C LEU A 266 -10.06 3.73 11.83
N GLY A 267 -8.76 3.59 11.52
CA GLY A 267 -7.99 4.70 11.01
C GLY A 267 -7.37 5.61 12.05
N SER A 268 -7.25 5.15 13.30
CA SER A 268 -6.51 5.89 14.32
C SER A 268 -5.02 5.87 13.99
N SER A 269 -4.26 6.82 14.51
CA SER A 269 -2.82 6.87 14.23
C SER A 269 -2.07 5.94 15.18
N PRO A 270 -1.08 5.18 14.65
CA PRO A 270 -0.35 4.26 15.51
C PRO A 270 0.49 4.97 16.59
N TYR A 271 0.78 4.24 17.68
CA TYR A 271 1.60 4.72 18.80
C TYR A 271 1.22 6.13 19.28
N PRO A 272 -0.05 6.29 19.68
CA PRO A 272 -0.45 7.64 20.13
C PRO A 272 0.34 8.03 21.38
N GLY A 273 0.60 9.33 21.55
CA GLY A 273 1.41 9.79 22.69
C GLY A 273 2.88 9.37 22.63
N MET A 274 3.31 8.94 21.45
CA MET A 274 4.71 8.55 21.24
C MET A 274 5.17 9.17 19.95
N PRO A 275 5.62 10.42 20.01
CA PRO A 275 6.22 11.07 18.83
C PRO A 275 7.51 10.36 18.46
N VAL A 276 7.86 10.36 17.17
CA VAL A 276 9.10 9.74 16.73
C VAL A 276 10.33 10.53 17.18
N ASP A 277 11.10 9.94 18.08
CA ASP A 277 12.27 10.63 18.66
C ASP A 277 13.09 9.57 19.34
N SER A 278 14.19 9.92 19.99
CA SER A 278 15.10 8.89 20.50
C SER A 278 14.38 8.00 21.52
N LYS A 279 13.44 8.58 22.24
CA LYS A 279 12.63 7.80 23.17
C LYS A 279 11.79 6.75 22.43
N PHE A 280 11.20 7.11 21.29
CA PHE A 280 10.44 6.14 20.52
C PHE A 280 11.29 4.90 20.17
N TYR A 281 12.45 5.15 19.58
CA TYR A 281 13.36 4.09 19.18
C TYR A 281 13.79 3.19 20.36
N LYS A 282 14.18 3.79 21.48
CA LYS A 282 14.49 3.04 22.68
C LYS A 282 13.34 2.10 23.08
N MET A 283 12.13 2.63 23.12
CA MET A 283 10.97 1.83 23.51
C MET A 283 10.70 0.66 22.57
N ILE A 284 10.80 0.91 21.28
CA ILE A 284 10.57 -0.17 20.30
C ILE A 284 11.63 -1.26 20.51
N LYS A 285 12.87 -0.86 20.76
CA LYS A 285 13.96 -1.85 21.00
C LYS A 285 13.70 -2.67 22.26
N GLU A 286 13.30 -1.99 23.33
CA GLU A 286 12.92 -2.65 24.59
C GLU A 286 11.68 -3.54 24.51
N GLY A 287 10.96 -3.52 23.40
CA GLY A 287 9.81 -4.41 23.26
C GLY A 287 8.45 -3.76 23.47
N PHE A 288 8.40 -2.46 23.57
CA PHE A 288 7.07 -1.84 23.58
C PHE A 288 6.31 -2.18 22.29
N ARG A 289 5.05 -2.59 22.46
CA ARG A 289 4.16 -2.90 21.35
C ARG A 289 2.78 -2.35 21.66
N MET A 290 2.01 -2.07 20.61
CA MET A 290 0.66 -1.53 20.76
C MET A 290 -0.26 -2.60 21.34
N SER A 291 -1.30 -2.14 22.05
CA SER A 291 -2.32 -3.01 22.63
C SER A 291 -3.34 -3.37 21.56
N SER A 292 -4.30 -4.25 21.90
CA SER A 292 -5.36 -4.59 20.97
C SER A 292 -6.26 -3.39 20.71
N PRO A 293 -6.57 -3.12 19.43
CA PRO A 293 -7.60 -2.12 19.10
C PRO A 293 -8.95 -2.57 19.63
N GLU A 294 -9.84 -1.64 19.97
CA GLU A 294 -11.19 -1.95 20.49
C GLU A 294 -11.87 -3.06 19.68
N HIS A 295 -11.90 -2.89 18.36
CA HIS A 295 -12.73 -3.74 17.50
C HIS A 295 -12.03 -4.96 16.95
N ALA A 296 -10.79 -5.20 17.39
CA ALA A 296 -10.04 -6.35 16.89
C ALA A 296 -10.40 -7.63 17.64
N PRO A 297 -10.83 -8.65 16.90
CA PRO A 297 -11.00 -9.97 17.51
C PRO A 297 -9.68 -10.46 18.07
N ALA A 298 -9.76 -11.25 19.13
CA ALA A 298 -8.56 -11.75 19.79
C ALA A 298 -7.62 -12.47 18.81
N GLU A 299 -8.16 -13.26 17.89
CA GLU A 299 -7.26 -13.97 16.98
C GLU A 299 -6.62 -13.03 15.95
N MET A 300 -7.24 -11.88 15.70
CA MET A 300 -6.61 -10.91 14.79
C MET A 300 -5.52 -10.17 15.55
N TYR A 301 -5.78 -9.84 16.82
CA TYR A 301 -4.73 -9.28 17.65
C TYR A 301 -3.55 -10.25 17.80
N ASP A 302 -3.84 -11.54 17.87
CA ASP A 302 -2.75 -12.52 17.94
C ASP A 302 -1.87 -12.44 16.68
N ILE A 303 -2.47 -12.24 15.52
CA ILE A 303 -1.66 -12.08 14.28
C ILE A 303 -0.76 -10.87 14.42
N MET A 304 -1.35 -9.72 14.82
CA MET A 304 -0.55 -8.50 15.07
C MET A 304 0.71 -8.71 15.91
N LYS A 305 0.52 -9.32 17.08
CA LYS A 305 1.61 -9.53 17.99
C LYS A 305 2.74 -10.34 17.33
N THR A 306 2.38 -11.35 16.54
CA THR A 306 3.41 -12.16 15.87
C THR A 306 4.07 -11.41 14.72
N CYS A 307 3.34 -10.49 14.08
CA CYS A 307 3.92 -9.65 13.03
C CYS A 307 5.00 -8.77 13.63
N TRP A 308 4.90 -8.51 14.93
CA TRP A 308 5.81 -7.57 15.59
C TRP A 308 6.88 -8.28 16.42
N ASP A 309 7.13 -9.55 16.13
CA ASP A 309 8.21 -10.21 16.81
C ASP A 309 9.53 -9.53 16.43
N ALA A 310 10.35 -9.24 17.42
CA ALA A 310 11.67 -8.66 17.17
C ALA A 310 12.52 -9.55 16.27
N ASP A 311 12.27 -10.86 16.30
CA ASP A 311 12.99 -11.82 15.47
C ASP A 311 12.21 -12.10 14.21
N PRO A 312 12.73 -11.65 13.05
CA PRO A 312 11.99 -11.77 11.79
C PRO A 312 11.58 -13.20 11.46
N ASP A 313 12.42 -14.17 11.85
CA ASP A 313 12.12 -15.58 11.64
C ASP A 313 10.85 -16.09 12.33
N LYS A 314 10.48 -15.43 13.42
CA LYS A 314 9.31 -15.84 14.19
C LYS A 314 8.01 -15.17 13.71
N ARG A 315 8.15 -14.18 12.83
CA ARG A 315 6.96 -13.59 12.18
C ARG A 315 6.34 -14.60 11.24
N PRO A 316 5.03 -14.58 11.11
CA PRO A 316 4.39 -15.44 10.12
C PRO A 316 4.71 -14.91 8.71
N THR A 317 4.58 -15.75 7.69
CA THR A 317 4.71 -15.33 6.31
C THR A 317 3.33 -14.86 5.88
N PHE A 318 3.24 -14.13 4.76
CA PHE A 318 1.91 -13.78 4.25
C PHE A 318 1.04 -15.00 3.93
N LYS A 319 1.67 -16.06 3.46
CA LYS A 319 0.96 -17.30 3.11
C LYS A 319 0.26 -17.87 4.35
N GLN A 320 0.96 -17.89 5.47
CA GLN A 320 0.35 -18.33 6.72
C GLN A 320 -0.78 -17.40 7.17
N ILE A 321 -0.54 -16.10 7.09
CA ILE A 321 -1.58 -15.14 7.46
C ILE A 321 -2.87 -15.38 6.67
N VAL A 322 -2.75 -15.54 5.35
CA VAL A 322 -3.94 -15.82 4.52
C VAL A 322 -4.72 -17.05 5.02
N GLN A 323 -4.00 -18.14 5.27
CA GLN A 323 -4.61 -19.39 5.71
C GLN A 323 -5.26 -19.17 7.08
N ASP A 324 -4.59 -18.42 7.94
CA ASP A 324 -5.13 -18.09 9.26
C ASP A 324 -6.44 -17.28 9.18
N ILE A 325 -6.46 -16.19 8.42
CA ILE A 325 -7.66 -15.34 8.36
C ILE A 325 -8.79 -16.07 7.63
N GLU A 326 -8.43 -16.89 6.65
CA GLU A 326 -9.40 -17.67 5.88
C GLU A 326 -10.32 -18.48 6.80
N LYS A 327 -9.70 -19.09 7.80
CA LYS A 327 -10.37 -19.93 8.77
C LYS A 327 -11.21 -19.10 9.73
N GLN A 328 -10.68 -17.95 10.15
CA GLN A 328 -11.44 -17.04 11.01
C GLN A 328 -12.73 -16.61 10.33
N ILE A 329 -12.65 -16.37 9.03
CA ILE A 329 -13.80 -15.90 8.27
C ILE A 329 -14.82 -17.02 8.08
N SER A 330 -14.28 -18.19 7.77
CA SER A 330 -15.08 -19.39 7.64
C SER A 330 -15.80 -19.73 8.95
N GLU A 331 -15.08 -19.64 10.06
CA GLU A 331 -15.65 -19.98 11.37
C GLU A 331 -16.71 -19.00 11.84
N SER A 332 -16.95 -17.96 11.05
CA SER A 332 -17.99 -17.00 11.40
C SER A 332 -19.16 -17.10 10.41
#